data_6WMI
#
_entry.id   6WMI
#
_cell.length_a   186.257
_cell.length_b   186.257
_cell.length_c   46.950
_cell.angle_alpha   90.000
_cell.angle_beta   90.000
_cell.angle_gamma   120.000
#
_symmetry.space_group_name_H-M   'P 62'
#
loop_
_entity.id
_entity.type
_entity.pdbx_description
1 polymer 'Zinc finger protein 410'
2 polymer "DNA (5'-D(*CP*AP*CP*AP*TP*CP*CP*CP*AP*TP*AP*AP*TP*AP*AP*TP*G)-3')"
3 polymer "DNA (5'-D(*CP*AP*TP*TP*AP*TP*TP*AP*TP*GP*GP*GP*AP*TP*GP*TP*G)-3')"
4 non-polymer 1,2-ETHANEDIOL
5 non-polymer 'ZINC ION'
6 water water
#
loop_
_entity_poly.entity_id
_entity_poly.type
_entity_poly.pdbx_seq_one_letter_code
_entity_poly.pdbx_strand_id
1 'polypeptide(L)'
;GPLGSKKLKCTVEGCDRTFVWPAHFKYHLKTHRNDRSFICPAEGCGKSFYVLQRLKVHMRTHNGEKPFMCHESGCGKQFT
TAGNLKNHRRIHTGEKPFLCEAQGCGRSFAEYSSLRKHLVVHSGEKPHQCQVCGKTFSQSGSRNVHMRKHHLQLG
;
A,D
2 'polydeoxyribonucleotide' (DC)(DA)(DC)(DA)(DT)(DC)(DC)(DC)(DA)(DT)(DA)(DA)(DT)(DA)(DA)(DT)(DG) B,E
3 'polydeoxyribonucleotide' (DC)(DA)(DT)(DT)(DA)(DT)(DT)(DA)(DT)(DG)(DG)(DG)(DA)(DT)(DG)(DT)(DG) C,F
#
loop_
_chem_comp.id
_chem_comp.type
_chem_comp.name
_chem_comp.formula
DA DNA linking 2'-DEOXYADENOSINE-5'-MONOPHOSPHATE 'C10 H14 N5 O6 P'
DC DNA linking 2'-DEOXYCYTIDINE-5'-MONOPHOSPHATE 'C9 H14 N3 O7 P'
DG DNA linking 2'-DEOXYGUANOSINE-5'-MONOPHOSPHATE 'C10 H14 N5 O7 P'
DT DNA linking THYMIDINE-5'-MONOPHOSPHATE 'C10 H15 N2 O8 P'
EDO non-polymer 1,2-ETHANEDIOL 'C2 H6 O2'
ZN non-polymer 'ZINC ION' 'Zn 2'
#
# COMPACT_ATOMS: atom_id res chain seq x y z
N LYS A 6 27.59 8.73 -16.14
CA LYS A 6 26.28 8.12 -16.22
C LYS A 6 26.34 6.60 -15.97
N LYS A 7 26.85 6.24 -14.80
CA LYS A 7 27.12 4.85 -14.43
C LYS A 7 25.87 4.19 -13.85
N LEU A 8 26.08 3.09 -13.09
CA LEU A 8 25.07 2.23 -12.47
C LEU A 8 24.45 1.25 -13.46
N LYS A 9 25.20 0.89 -14.50
CA LYS A 9 24.92 -0.28 -15.31
C LYS A 9 25.89 -1.38 -14.91
N CYS A 10 25.39 -2.59 -14.67
CA CYS A 10 26.25 -3.72 -14.35
C CYS A 10 27.10 -4.06 -15.56
N THR A 11 28.38 -4.29 -15.32
CA THR A 11 29.36 -4.45 -16.39
C THR A 11 29.91 -5.87 -16.48
N VAL A 12 29.38 -6.80 -15.68
CA VAL A 12 29.75 -8.21 -15.83
C VAL A 12 29.28 -8.68 -17.21
N GLU A 13 29.89 -9.78 -17.67
CA GLU A 13 29.87 -10.14 -19.09
C GLU A 13 28.45 -10.27 -19.64
N GLY A 14 27.68 -11.21 -19.12
CA GLY A 14 26.36 -11.48 -19.68
C GLY A 14 25.20 -10.77 -19.03
N CYS A 15 25.45 -9.78 -18.16
CA CYS A 15 24.37 -9.24 -17.33
C CYS A 15 23.54 -8.17 -18.07
N ASP A 16 24.17 -7.04 -18.41
CA ASP A 16 23.50 -5.92 -19.07
C ASP A 16 22.23 -5.51 -18.32
N ARG A 17 22.39 -5.10 -17.07
CA ARG A 17 21.30 -4.62 -16.24
C ARG A 17 21.64 -3.25 -15.67
N THR A 18 20.62 -2.42 -15.48
CA THR A 18 20.82 -1.05 -15.03
C THR A 18 19.96 -0.77 -13.81
N PHE A 19 20.49 0.05 -12.91
CA PHE A 19 19.90 0.25 -11.59
C PHE A 19 19.67 1.73 -11.33
N VAL A 20 18.93 2.00 -10.24
CA VAL A 20 18.60 3.36 -9.86
C VAL A 20 19.19 3.72 -8.50
N TRP A 21 19.10 2.82 -7.53
CA TRP A 21 19.58 3.15 -6.20
C TRP A 21 20.96 2.57 -5.98
N PRO A 22 21.92 3.38 -5.49
CA PRO A 22 23.29 2.86 -5.31
C PRO A 22 23.35 1.61 -4.44
N ALA A 23 22.51 1.52 -3.40
CA ALA A 23 22.55 0.36 -2.51
C ALA A 23 22.05 -0.89 -3.21
N HIS A 24 21.01 -0.77 -4.04
CA HIS A 24 20.55 -1.92 -4.83
C HIS A 24 21.62 -2.35 -5.81
N PHE A 25 22.37 -1.39 -6.37
CA PHE A 25 23.49 -1.74 -7.23
C PHE A 25 24.54 -2.52 -6.46
N LYS A 26 24.86 -2.06 -5.24
CA LYS A 26 25.88 -2.74 -4.45
C LYS A 26 25.43 -4.15 -4.09
N TYR A 27 24.14 -4.32 -3.80
CA TYR A 27 23.62 -5.66 -3.57
C TYR A 27 23.85 -6.54 -4.78
N HIS A 28 23.52 -6.03 -5.97
CA HIS A 28 23.63 -6.85 -7.18
C HIS A 28 25.06 -7.33 -7.39
N LEU A 29 26.04 -6.46 -7.17
CA LEU A 29 27.43 -6.87 -7.32
C LEU A 29 27.79 -7.99 -6.35
N LYS A 30 27.25 -7.93 -5.14
CA LYS A 30 27.57 -8.95 -4.15
C LYS A 30 27.03 -10.31 -4.56
N THR A 31 25.89 -10.35 -5.26
CA THR A 31 25.37 -11.64 -5.71
C THR A 31 26.24 -12.25 -6.80
N HIS A 32 26.86 -11.42 -7.64
CA HIS A 32 27.78 -11.94 -8.65
C HIS A 32 29.00 -12.57 -8.00
N ARG A 33 29.46 -12.01 -6.89
CA ARG A 33 30.65 -12.49 -6.19
C ARG A 33 30.33 -13.49 -5.08
N ASN A 34 29.04 -13.67 -4.75
CA ASN A 34 28.61 -14.49 -3.61
C ASN A 34 29.22 -13.98 -2.29
N ASP A 35 29.21 -12.64 -2.12
CA ASP A 35 29.79 -11.99 -0.94
C ASP A 35 28.74 -11.99 0.17
N ARG A 36 28.79 -13.01 1.03
CA ARG A 36 27.88 -13.15 2.15
C ARG A 36 28.66 -12.94 3.43
N SER A 37 28.65 -11.71 3.94
CA SER A 37 29.49 -11.34 5.07
C SER A 37 28.80 -11.42 6.43
N PHE A 38 27.50 -11.70 6.46
CA PHE A 38 26.74 -11.76 7.72
C PHE A 38 26.49 -13.22 8.09
N ILE A 39 27.17 -13.69 9.14
CA ILE A 39 27.23 -15.11 9.48
C ILE A 39 26.45 -15.37 10.75
N CYS A 40 25.64 -16.44 10.74
CA CYS A 40 24.87 -16.82 11.92
C CYS A 40 25.79 -17.36 13.01
N PRO A 41 25.72 -16.82 14.23
CA PRO A 41 26.62 -17.27 15.30
C PRO A 41 26.13 -18.49 16.08
N ALA A 42 24.91 -18.97 15.84
CA ALA A 42 24.42 -20.15 16.52
C ALA A 42 25.31 -21.36 16.20
N GLU A 43 25.50 -22.23 17.20
CA GLU A 43 26.41 -23.35 17.04
C GLU A 43 25.83 -24.38 16.09
N GLY A 44 26.63 -24.81 15.12
CA GLY A 44 26.25 -25.85 14.19
C GLY A 44 25.53 -25.37 12.94
N CYS A 45 25.20 -24.09 12.84
CA CYS A 45 24.45 -23.60 11.68
C CYS A 45 25.38 -23.10 10.57
N GLY A 46 26.15 -22.04 10.85
CA GLY A 46 27.12 -21.53 9.91
C GLY A 46 26.58 -20.99 8.61
N LYS A 47 25.28 -20.66 8.55
CA LYS A 47 24.75 -20.05 7.35
C LYS A 47 25.12 -18.57 7.29
N SER A 48 25.13 -18.02 6.08
CA SER A 48 25.58 -16.65 5.85
C SER A 48 24.66 -15.96 4.86
N PHE A 49 24.64 -14.63 4.92
CA PHE A 49 23.66 -13.84 4.20
C PHE A 49 24.31 -12.59 3.63
N TYR A 50 23.64 -12.00 2.63
CA TYR A 50 24.19 -10.83 1.95
C TYR A 50 24.03 -9.56 2.77
N VAL A 51 22.98 -9.46 3.61
CA VAL A 51 22.66 -8.25 4.34
C VAL A 51 22.31 -8.60 5.78
N LEU A 52 22.42 -7.61 6.66
CA LEU A 52 22.13 -7.83 8.08
C LEU A 52 20.67 -8.20 8.30
N GLN A 53 19.77 -7.60 7.51
CA GLN A 53 18.34 -7.86 7.69
C GLN A 53 18.01 -9.34 7.56
N ARG A 54 18.65 -10.03 6.62
CA ARG A 54 18.35 -11.43 6.40
C ARG A 54 18.84 -12.29 7.55
N LEU A 55 19.99 -11.93 8.13
CA LEU A 55 20.46 -12.64 9.31
C LEU A 55 19.52 -12.46 10.48
N LYS A 56 19.01 -11.24 10.67
CA LYS A 56 18.08 -10.98 11.75
C LYS A 56 16.80 -11.80 11.61
N VAL A 57 16.27 -11.93 10.39
CA VAL A 57 15.08 -12.74 10.20
C VAL A 57 15.40 -14.22 10.36
N HIS A 58 16.58 -14.64 9.92
CA HIS A 58 16.98 -16.03 10.08
C HIS A 58 17.05 -16.43 11.55
N MET A 59 17.44 -15.50 12.43
CA MET A 59 17.55 -15.82 13.86
C MET A 59 16.23 -16.35 14.42
N ARG A 60 15.11 -15.93 13.85
CA ARG A 60 13.82 -16.40 14.35
C ARG A 60 13.65 -17.90 14.19
N THR A 61 14.47 -18.56 13.36
CA THR A 61 14.44 -20.01 13.30
C THR A 61 15.17 -20.66 14.47
N HIS A 62 15.95 -19.88 15.24
CA HIS A 62 16.66 -20.40 16.40
C HIS A 62 16.01 -19.98 17.72
N ASN A 63 15.38 -18.82 17.79
CA ASN A 63 14.83 -18.33 19.05
C ASN A 63 13.30 -18.36 19.10
N GLY A 64 12.63 -18.79 18.03
CA GLY A 64 11.20 -19.04 18.08
C GLY A 64 10.30 -17.83 18.09
N GLU A 65 10.83 -16.63 17.88
CA GLU A 65 9.99 -15.45 17.83
C GLU A 65 9.11 -15.47 16.59
N LYS A 66 7.82 -15.18 16.77
CA LYS A 66 6.85 -15.08 15.68
C LYS A 66 6.03 -13.83 15.96
N PRO A 67 6.48 -12.67 15.49
CA PRO A 67 5.88 -11.40 15.95
C PRO A 67 4.58 -11.01 15.27
N PHE A 68 4.14 -11.70 14.23
CA PHE A 68 2.96 -11.29 13.47
C PHE A 68 1.84 -12.28 13.73
N MET A 69 0.82 -11.83 14.46
CA MET A 69 -0.28 -12.69 14.91
C MET A 69 -1.56 -12.40 14.12
N CYS A 70 -2.28 -13.46 13.77
CA CYS A 70 -3.61 -13.32 13.21
C CYS A 70 -4.59 -12.96 14.33
N HIS A 71 -5.38 -11.90 14.12
CA HIS A 71 -6.36 -11.46 15.11
C HIS A 71 -7.76 -11.94 14.80
N GLU A 72 -7.91 -12.91 13.90
CA GLU A 72 -9.19 -13.56 13.71
C GLU A 72 -9.61 -14.26 14.99
N SER A 73 -10.87 -14.10 15.36
CA SER A 73 -11.36 -14.76 16.56
C SER A 73 -11.23 -16.27 16.41
N GLY A 74 -10.58 -16.89 17.40
CA GLY A 74 -10.37 -18.32 17.39
C GLY A 74 -9.10 -18.77 16.71
N CYS A 75 -8.41 -17.89 15.97
CA CYS A 75 -7.21 -18.31 15.25
C CYS A 75 -5.94 -18.04 16.06
N GLY A 76 -5.62 -16.76 16.27
CA GLY A 76 -4.40 -16.37 16.95
C GLY A 76 -3.12 -17.07 16.53
N LYS A 77 -2.99 -17.46 15.27
CA LYS A 77 -1.74 -18.07 14.82
C LYS A 77 -0.66 -17.00 14.65
N GLN A 78 0.60 -17.40 14.84
CA GLN A 78 1.73 -16.48 14.83
C GLN A 78 2.71 -16.87 13.73
N PHE A 79 3.26 -15.85 13.06
CA PHE A 79 4.10 -16.04 11.89
C PHE A 79 5.39 -15.25 12.03
N THR A 80 6.43 -15.71 11.34
CA THR A 80 7.75 -15.09 11.44
C THR A 80 7.91 -13.87 10.54
N THR A 81 7.08 -13.72 9.51
CA THR A 81 7.12 -12.53 8.66
C THR A 81 5.70 -12.00 8.45
N ALA A 82 5.60 -10.69 8.30
CA ALA A 82 4.32 -10.07 7.97
C ALA A 82 3.77 -10.63 6.67
N GLY A 83 4.64 -10.87 5.69
CA GLY A 83 4.18 -11.35 4.39
C GLY A 83 3.48 -12.69 4.50
N ASN A 84 3.97 -13.57 5.37
CA ASN A 84 3.31 -14.85 5.57
C ASN A 84 1.95 -14.70 6.23
N LEU A 85 1.85 -13.83 7.24
CA LEU A 85 0.55 -13.55 7.86
C LEU A 85 -0.42 -12.99 6.84
N LYS A 86 0.05 -12.08 5.98
CA LYS A 86 -0.82 -11.51 4.95
C LYS A 86 -1.39 -12.60 4.05
N ASN A 87 -0.56 -13.58 3.67
CA ASN A 87 -1.07 -14.72 2.90
C ASN A 87 -2.09 -15.51 3.72
N HIS A 88 -1.78 -15.79 4.99
CA HIS A 88 -2.65 -16.60 5.82
C HIS A 88 -4.05 -15.99 5.95
N ARG A 89 -4.11 -14.67 6.18
CA ARG A 89 -5.40 -14.00 6.40
C ARG A 89 -6.41 -14.28 5.29
N ARG A 90 -5.95 -14.68 4.11
CA ARG A 90 -6.88 -14.91 3.00
C ARG A 90 -7.76 -16.12 3.23
N ILE A 91 -7.41 -17.01 4.16
CA ILE A 91 -8.32 -18.11 4.45
C ILE A 91 -9.52 -17.63 5.24
N HIS A 92 -9.42 -16.49 5.92
CA HIS A 92 -10.57 -15.91 6.61
C HIS A 92 -11.31 -14.89 5.75
N THR A 93 -10.65 -14.24 4.80
CA THR A 93 -11.31 -13.24 3.98
C THR A 93 -11.82 -13.80 2.66
N GLY A 94 -11.28 -14.92 2.20
CA GLY A 94 -11.65 -15.48 0.92
C GLY A 94 -11.04 -14.77 -0.28
N GLU A 95 -10.25 -13.72 -0.06
CA GLU A 95 -9.58 -13.04 -1.15
C GLU A 95 -8.67 -14.00 -1.90
N LYS A 96 -8.83 -14.05 -3.22
CA LYS A 96 -7.95 -14.81 -4.12
C LYS A 96 -7.53 -13.87 -5.22
N PRO A 97 -6.52 -13.04 -4.98
CA PRO A 97 -6.20 -11.94 -5.90
C PRO A 97 -5.30 -12.29 -7.08
N PHE A 98 -4.74 -13.48 -7.12
CA PHE A 98 -3.79 -13.85 -8.17
C PHE A 98 -4.52 -14.69 -9.22
N LEU A 99 -4.73 -14.11 -10.39
CA LEU A 99 -5.61 -14.65 -11.41
C LEU A 99 -4.81 -15.29 -12.55
N CYS A 100 -5.26 -16.46 -13.00
CA CYS A 100 -4.64 -17.14 -14.13
C CYS A 100 -5.04 -16.46 -15.42
N GLU A 101 -4.07 -15.90 -16.15
CA GLU A 101 -4.31 -15.19 -17.39
C GLU A 101 -4.34 -16.12 -18.60
N ALA A 102 -4.54 -17.43 -18.40
CA ALA A 102 -4.67 -18.34 -19.52
C ALA A 102 -5.93 -17.99 -20.32
N GLN A 103 -6.06 -18.64 -21.48
CA GLN A 103 -7.11 -18.24 -22.42
C GLN A 103 -8.50 -18.56 -21.87
N GLY A 104 -8.71 -19.78 -21.38
CA GLY A 104 -10.04 -20.17 -20.96
C GLY A 104 -10.15 -20.69 -19.54
N CYS A 105 -9.21 -20.29 -18.68
CA CYS A 105 -9.17 -20.82 -17.32
C CYS A 105 -9.91 -19.91 -16.33
N GLY A 106 -9.43 -18.68 -16.17
CA GLY A 106 -10.07 -17.72 -15.29
C GLY A 106 -10.12 -18.13 -13.84
N ARG A 107 -9.11 -18.85 -13.36
CA ARG A 107 -9.06 -19.29 -11.97
C ARG A 107 -8.20 -18.36 -11.14
N SER A 108 -8.59 -18.16 -9.89
CA SER A 108 -7.89 -17.29 -8.96
C SER A 108 -7.28 -18.10 -7.83
N PHE A 109 -6.26 -17.52 -7.18
CA PHE A 109 -5.52 -18.21 -6.14
C PHE A 109 -5.21 -17.28 -4.98
N ALA A 110 -5.05 -17.88 -3.80
CA ALA A 110 -4.83 -17.11 -2.59
C ALA A 110 -3.38 -16.66 -2.45
N GLU A 111 -2.45 -17.46 -2.94
CA GLU A 111 -1.03 -17.15 -2.85
C GLU A 111 -0.44 -17.03 -4.24
N TYR A 112 0.50 -16.11 -4.39
CA TYR A 112 1.24 -15.95 -5.64
C TYR A 112 1.88 -17.28 -6.07
N SER A 113 2.44 -18.01 -5.11
CA SER A 113 3.14 -19.25 -5.47
C SER A 113 2.17 -20.35 -5.88
N SER A 114 0.94 -20.33 -5.37
CA SER A 114 -0.04 -21.32 -5.80
C SER A 114 -0.39 -21.14 -7.27
N LEU A 115 -0.40 -19.89 -7.75
CA LEU A 115 -0.58 -19.65 -9.18
C LEU A 115 0.61 -20.18 -9.98
N ARG A 116 1.82 -20.02 -9.45
CA ARG A 116 3.00 -20.56 -10.10
C ARG A 116 2.88 -22.07 -10.27
N LYS A 117 2.52 -22.77 -9.18
CA LYS A 117 2.35 -24.22 -9.25
C LYS A 117 1.20 -24.63 -10.17
N HIS A 118 0.25 -23.71 -10.43
CA HIS A 118 -0.85 -24.02 -11.33
C HIS A 118 -0.45 -23.89 -12.79
N LEU A 119 0.46 -22.96 -13.11
CA LEU A 119 0.84 -22.72 -14.50
C LEU A 119 1.48 -23.94 -15.15
N VAL A 120 2.00 -24.88 -14.36
CA VAL A 120 2.55 -26.10 -14.92
C VAL A 120 1.45 -27.07 -15.35
N VAL A 121 0.23 -26.90 -14.85
CA VAL A 121 -0.87 -27.74 -15.31
C VAL A 121 -1.23 -27.39 -16.76
N HIS A 122 -1.08 -26.12 -17.14
CA HIS A 122 -1.34 -25.71 -18.52
C HIS A 122 -0.15 -26.03 -19.42
N SER A 123 1.06 -25.70 -18.96
CA SER A 123 2.25 -25.97 -19.78
C SER A 123 2.49 -27.47 -19.94
N GLY A 124 2.04 -28.27 -18.99
CA GLY A 124 2.26 -29.71 -19.03
C GLY A 124 3.66 -30.14 -18.63
N GLU A 125 4.52 -29.22 -18.24
CA GLU A 125 5.88 -29.56 -17.85
C GLU A 125 5.89 -30.29 -16.51
N LYS A 126 6.98 -31.03 -16.28
CA LYS A 126 7.22 -31.70 -15.01
C LYS A 126 8.66 -31.43 -14.64
N PRO A 127 8.93 -30.36 -13.89
CA PRO A 127 10.32 -29.98 -13.62
C PRO A 127 11.00 -30.79 -12.53
N HIS A 128 10.25 -31.48 -11.67
CA HIS A 128 10.82 -32.17 -10.53
C HIS A 128 11.08 -33.64 -10.90
N GLN A 129 12.35 -34.04 -10.85
CA GLN A 129 12.80 -35.35 -11.29
C GLN A 129 13.15 -36.22 -10.09
N CYS A 130 13.03 -37.54 -10.27
CA CYS A 130 13.50 -38.51 -9.30
C CYS A 130 14.91 -38.93 -9.68
N GLN A 131 15.86 -38.74 -8.76
CA GLN A 131 17.26 -39.07 -9.02
C GLN A 131 17.50 -40.58 -9.13
N VAL A 132 16.53 -41.41 -8.71
CA VAL A 132 16.72 -42.86 -8.70
C VAL A 132 16.14 -43.48 -9.97
N CYS A 133 14.83 -43.33 -10.18
CA CYS A 133 14.14 -44.00 -11.29
C CYS A 133 14.11 -43.15 -12.56
N GLY A 134 13.94 -41.85 -12.43
CA GLY A 134 13.82 -40.96 -13.57
C GLY A 134 12.42 -40.47 -13.84
N LYS A 135 11.43 -40.87 -13.04
CA LYS A 135 10.07 -40.39 -13.21
C LYS A 135 10.02 -38.87 -13.04
N THR A 136 9.00 -38.26 -13.63
CA THR A 136 8.91 -36.81 -13.71
C THR A 136 7.58 -36.37 -13.11
N PHE A 137 7.64 -35.37 -12.21
CA PHE A 137 6.50 -35.02 -11.37
C PHE A 137 6.16 -33.55 -11.49
N SER A 138 4.88 -33.24 -11.24
CA SER A 138 4.42 -31.85 -11.35
C SER A 138 4.94 -31.00 -10.21
N GLN A 139 4.89 -31.50 -8.97
CA GLN A 139 5.31 -30.75 -7.80
C GLN A 139 6.39 -31.52 -7.05
N SER A 140 7.13 -30.79 -6.20
CA SER A 140 8.21 -31.43 -5.45
C SER A 140 7.67 -32.40 -4.41
N GLY A 141 6.56 -32.04 -3.75
CA GLY A 141 5.98 -32.94 -2.77
C GLY A 141 5.59 -34.27 -3.37
N SER A 142 5.11 -34.26 -4.62
CA SER A 142 4.82 -35.52 -5.30
C SER A 142 6.09 -36.33 -5.52
N ARG A 143 7.19 -35.66 -5.87
CA ARG A 143 8.46 -36.35 -6.04
C ARG A 143 8.93 -36.97 -4.72
N ASN A 144 8.68 -36.28 -3.60
CA ASN A 144 9.17 -36.74 -2.31
C ASN A 144 8.37 -37.93 -1.77
N VAL A 145 7.07 -37.98 -2.03
CA VAL A 145 6.29 -39.14 -1.58
C VAL A 145 6.58 -40.37 -2.43
N HIS A 146 7.04 -40.17 -3.67
CA HIS A 146 7.56 -41.29 -4.46
C HIS A 146 8.92 -41.74 -3.93
N MET A 147 9.70 -40.81 -3.37
CA MET A 147 10.97 -41.18 -2.74
C MET A 147 10.73 -41.99 -1.46
N ARG A 148 9.69 -41.65 -0.70
CA ARG A 148 9.31 -42.44 0.45
C ARG A 148 8.81 -43.82 0.06
N LYS A 149 8.33 -43.98 -1.18
CA LYS A 149 7.98 -45.30 -1.69
C LYS A 149 9.23 -46.12 -2.02
N HIS A 150 10.31 -45.46 -2.46
CA HIS A 150 11.55 -46.17 -2.79
C HIS A 150 12.23 -46.72 -1.54
N HIS A 151 12.61 -45.83 -0.62
CA HIS A 151 13.35 -46.23 0.57
C HIS A 151 12.49 -47.06 1.52
N LYS B 6 -32.47 -9.25 0.68
CA LYS B 6 -31.40 -8.64 1.46
C LYS B 6 -30.75 -7.47 0.71
N LYS B 7 -31.22 -6.24 0.98
CA LYS B 7 -30.90 -5.11 0.12
C LYS B 7 -29.54 -4.48 0.43
N LEU B 8 -29.43 -3.87 1.62
CA LEU B 8 -28.31 -2.95 1.93
C LEU B 8 -28.19 -1.84 0.89
N LYS B 9 -29.32 -1.42 0.31
CA LYS B 9 -29.37 -0.31 -0.62
C LYS B 9 -30.02 0.88 0.05
N CYS B 10 -29.46 2.07 -0.17
CA CYS B 10 -30.08 3.28 0.34
C CYS B 10 -31.34 3.58 -0.45
N THR B 11 -32.44 3.78 0.27
CA THR B 11 -33.75 3.95 -0.35
C THR B 11 -34.27 5.37 -0.27
N VAL B 12 -33.46 6.30 0.23
CA VAL B 12 -33.84 7.71 0.20
C VAL B 12 -34.11 8.12 -1.24
N GLU B 13 -35.21 8.84 -1.45
CA GLU B 13 -35.58 9.28 -2.79
C GLU B 13 -34.46 10.12 -3.39
N GLY B 14 -33.97 9.70 -4.56
CA GLY B 14 -32.94 10.41 -5.28
C GLY B 14 -31.53 9.88 -5.10
N CYS B 15 -31.34 8.87 -4.25
CA CYS B 15 -29.99 8.39 -3.94
C CYS B 15 -29.65 7.11 -4.72
N ASP B 16 -30.42 6.03 -4.50
CA ASP B 16 -30.24 4.76 -5.19
C ASP B 16 -28.78 4.32 -5.23
N ARG B 17 -28.14 4.30 -4.06
CA ARG B 17 -26.77 3.82 -3.92
C ARG B 17 -26.78 2.52 -3.13
N THR B 18 -25.90 1.60 -3.52
CA THR B 18 -25.83 0.28 -2.90
C THR B 18 -24.46 0.12 -2.24
N PHE B 19 -24.45 -0.58 -1.10
CA PHE B 19 -23.27 -0.67 -0.26
C PHE B 19 -22.91 -2.13 0.00
N VAL B 20 -21.71 -2.33 0.53
CA VAL B 20 -21.19 -3.64 0.86
C VAL B 20 -21.07 -3.83 2.37
N TRP B 21 -20.42 -2.89 3.05
CA TRP B 21 -20.16 -3.05 4.48
C TRP B 21 -21.27 -2.38 5.30
N PRO B 22 -21.86 -3.09 6.26
CA PRO B 22 -22.97 -2.48 7.03
C PRO B 22 -22.57 -1.24 7.80
N ALA B 23 -21.34 -1.13 8.29
CA ALA B 23 -20.92 0.08 8.99
C ALA B 23 -20.82 1.27 8.03
N HIS B 24 -20.39 1.02 6.79
CA HIS B 24 -20.39 2.07 5.78
C HIS B 24 -21.83 2.51 5.49
N PHE B 25 -22.74 1.55 5.36
CA PHE B 25 -24.13 1.88 5.12
C PHE B 25 -24.71 2.71 6.25
N LYS B 26 -24.35 2.38 7.50
CA LYS B 26 -24.86 3.16 8.63
C LYS B 26 -24.30 4.58 8.60
N TYR B 27 -23.02 4.71 8.28
CA TYR B 27 -22.45 6.03 8.09
C TYR B 27 -23.26 6.84 7.09
N HIS B 28 -23.54 6.24 5.92
CA HIS B 28 -24.25 6.96 4.86
C HIS B 28 -25.59 7.47 5.35
N LEU B 29 -26.35 6.64 6.07
CA LEU B 29 -27.63 7.09 6.59
C LEU B 29 -27.45 8.27 7.53
N LYS B 30 -26.39 8.25 8.34
CA LYS B 30 -26.16 9.35 9.29
C LYS B 30 -25.94 10.67 8.56
N THR B 31 -25.26 10.64 7.41
CA THR B 31 -25.03 11.88 6.68
C THR B 31 -26.31 12.45 6.10
N HIS B 32 -27.30 11.59 5.80
CA HIS B 32 -28.59 12.09 5.35
C HIS B 32 -29.29 12.87 6.45
N ARG B 33 -29.32 12.32 7.67
CA ARG B 33 -29.93 13.01 8.80
C ARG B 33 -29.03 14.08 9.39
N ASN B 34 -27.79 14.19 8.92
CA ASN B 34 -26.78 15.08 9.51
C ASN B 34 -26.61 14.80 11.01
N ASP B 35 -26.52 13.51 11.35
CA ASP B 35 -26.44 13.06 12.75
C ASP B 35 -24.99 13.09 13.20
N ARG B 36 -24.61 14.17 13.86
CA ARG B 36 -23.25 14.36 14.38
C ARG B 36 -23.33 14.28 15.89
N SER B 37 -23.02 13.10 16.44
CA SER B 37 -23.21 12.85 17.87
C SER B 37 -21.90 12.94 18.67
N PHE B 38 -20.78 13.22 18.02
CA PHE B 38 -19.49 13.32 18.69
C PHE B 38 -19.11 14.80 18.75
N ILE B 39 -19.11 15.36 19.95
CA ILE B 39 -19.02 16.79 20.17
C ILE B 39 -17.73 17.13 20.89
N CYS B 40 -17.03 18.15 20.40
CA CYS B 40 -15.75 18.53 20.97
C CYS B 40 -15.94 19.13 22.36
N PRO B 41 -15.15 18.71 23.36
CA PRO B 41 -15.32 19.21 24.72
C PRO B 41 -14.63 20.54 25.02
N ALA B 42 -13.82 21.06 24.10
CA ALA B 42 -13.09 22.29 24.36
C ALA B 42 -14.04 23.46 24.54
N GLU B 43 -13.70 24.34 25.48
CA GLU B 43 -14.56 25.46 25.80
C GLU B 43 -14.64 26.42 24.62
N GLY B 44 -15.86 26.73 24.20
CA GLY B 44 -16.10 27.67 23.12
C GLY B 44 -16.01 27.09 21.72
N CYS B 45 -15.82 25.78 21.57
CA CYS B 45 -15.69 25.21 20.22
C CYS B 45 -17.01 24.69 19.68
N GLY B 46 -17.56 23.66 20.32
CA GLY B 46 -18.88 23.16 19.96
C GLY B 46 -18.99 22.44 18.64
N LYS B 47 -17.90 22.15 17.96
CA LYS B 47 -18.00 21.43 16.69
C LYS B 47 -18.36 19.96 16.94
N SER B 48 -19.05 19.37 15.97
CA SER B 48 -19.53 17.99 16.07
C SER B 48 -19.18 17.20 14.81
N PHE B 49 -19.11 15.88 14.96
CA PHE B 49 -18.62 14.99 13.92
C PHE B 49 -19.45 13.72 13.90
N TYR B 50 -19.32 12.97 12.79
CA TYR B 50 -20.15 11.78 12.58
C TYR B 50 -19.64 10.57 13.36
N VAL B 51 -18.32 10.39 13.44
CA VAL B 51 -17.72 9.23 14.08
C VAL B 51 -16.66 9.70 15.06
N LEU B 52 -16.35 8.83 16.02
CA LEU B 52 -15.38 9.17 17.07
C LEU B 52 -14.04 9.54 16.47
N GLN B 53 -13.59 8.79 15.47
CA GLN B 53 -12.26 8.99 14.90
C GLN B 53 -12.05 10.43 14.44
N ARG B 54 -13.09 11.03 13.85
CA ARG B 54 -12.98 12.41 13.38
C ARG B 54 -12.84 13.39 14.54
N LEU B 55 -13.42 13.06 15.69
CA LEU B 55 -13.26 13.92 16.86
C LEU B 55 -11.85 13.83 17.42
N LYS B 56 -11.34 12.60 17.60
CA LYS B 56 -9.98 12.42 18.08
C LYS B 56 -8.99 13.19 17.24
N VAL B 57 -9.15 13.17 15.91
CA VAL B 57 -8.21 13.89 15.05
C VAL B 57 -8.41 15.39 15.18
N HIS B 58 -9.66 15.84 15.29
CA HIS B 58 -9.93 17.28 15.47
C HIS B 58 -9.27 17.81 16.74
N MET B 59 -9.20 16.98 17.78
CA MET B 59 -8.57 17.40 19.02
C MET B 59 -7.15 17.91 18.80
N ARG B 60 -6.47 17.37 17.78
CA ARG B 60 -5.09 17.80 17.51
C ARG B 60 -5.01 19.28 17.13
N THR B 61 -6.09 19.87 16.63
CA THR B 61 -6.08 21.31 16.37
C THR B 61 -6.10 22.12 17.65
N HIS B 62 -6.42 21.51 18.78
CA HIS B 62 -6.41 22.17 20.07
C HIS B 62 -5.11 21.91 20.82
N ASN B 63 -4.71 20.65 20.94
CA ASN B 63 -3.58 20.27 21.79
C ASN B 63 -2.24 20.31 21.06
N GLY B 64 -2.22 20.62 19.77
CA GLY B 64 -0.98 20.78 19.04
C GLY B 64 -0.24 19.51 18.69
N GLU B 65 -0.77 18.33 19.08
CA GLU B 65 -0.07 17.09 18.80
C GLU B 65 0.02 16.84 17.30
N LYS B 66 1.24 16.59 16.82
CA LYS B 66 1.49 16.31 15.41
C LYS B 66 2.37 15.06 15.34
N PRO B 67 1.77 13.87 15.32
CA PRO B 67 2.54 12.64 15.51
C PRO B 67 3.34 12.18 14.30
N PHE B 68 3.12 12.76 13.13
CA PHE B 68 3.71 12.27 11.88
C PHE B 68 4.79 13.25 11.45
N MET B 69 6.05 12.79 11.48
CA MET B 69 7.20 13.67 11.32
C MET B 69 8.00 13.30 10.07
N CYS B 70 8.40 14.33 9.32
CA CYS B 70 9.32 14.17 8.20
C CYS B 70 10.75 14.06 8.73
N HIS B 71 11.42 12.94 8.41
CA HIS B 71 12.79 12.71 8.85
C HIS B 71 13.81 13.08 7.78
N GLU B 72 13.43 13.90 6.81
CA GLU B 72 14.41 14.44 5.88
C GLU B 72 15.40 15.31 6.64
N SER B 73 16.66 15.29 6.20
CA SER B 73 17.70 16.03 6.90
C SER B 73 17.46 17.54 6.78
N GLY B 74 17.33 18.21 7.93
CA GLY B 74 17.08 19.62 7.97
C GLY B 74 15.62 20.02 7.94
N CYS B 75 14.71 19.13 7.51
CA CYS B 75 13.31 19.52 7.41
C CYS B 75 12.61 19.52 8.76
N GLY B 76 12.48 18.35 9.38
CA GLY B 76 11.87 18.24 10.70
C GLY B 76 10.46 18.77 10.83
N LYS B 77 9.71 18.88 9.73
CA LYS B 77 8.32 19.33 9.81
C LYS B 77 7.40 18.19 10.26
N GLN B 78 6.41 18.54 11.08
CA GLN B 78 5.49 17.57 11.66
C GLN B 78 4.07 17.82 11.15
N PHE B 79 3.22 16.81 11.26
CA PHE B 79 1.88 16.89 10.70
C PHE B 79 0.90 16.15 11.59
N THR B 80 -0.38 16.53 11.43
CA THR B 80 -1.46 15.94 12.21
C THR B 80 -1.92 14.59 11.65
N THR B 81 -1.77 14.38 10.35
CA THR B 81 -2.20 13.14 9.72
C THR B 81 -1.08 12.57 8.85
N ALA B 82 -0.98 11.24 8.84
CA ALA B 82 -0.03 10.57 7.95
C ALA B 82 -0.22 11.02 6.50
N GLY B 83 -1.47 11.27 6.11
CA GLY B 83 -1.75 11.59 4.71
C GLY B 83 -1.15 12.93 4.31
N ASN B 84 -1.20 13.91 5.21
CA ASN B 84 -0.54 15.18 4.93
C ASN B 84 0.97 14.99 4.83
N LEU B 85 1.53 14.09 5.64
CA LEU B 85 2.96 13.82 5.57
C LEU B 85 3.33 13.21 4.22
N LYS B 86 2.52 12.26 3.75
CA LYS B 86 2.76 11.63 2.45
C LYS B 86 2.76 12.66 1.33
N ASN B 87 1.82 13.61 1.36
CA ASN B 87 1.86 14.71 0.41
C ASN B 87 3.16 15.50 0.53
N HIS B 88 3.53 15.86 1.77
CA HIS B 88 4.69 16.72 1.97
C HIS B 88 5.97 16.10 1.42
N ARG B 89 6.19 14.81 1.67
CA ARG B 89 7.45 14.19 1.28
C ARG B 89 7.71 14.28 -0.22
N ARG B 90 6.70 14.62 -1.02
CA ARG B 90 6.91 14.72 -2.45
C ARG B 90 7.75 15.94 -2.83
N ILE B 91 7.91 16.90 -1.91
CA ILE B 91 8.87 17.97 -2.16
C ILE B 91 10.32 17.50 -1.97
N HIS B 92 10.52 16.33 -1.38
CA HIS B 92 11.85 15.77 -1.22
C HIS B 92 12.15 14.66 -2.22
N THR B 93 11.13 14.10 -2.86
CA THR B 93 11.31 13.05 -3.84
C THR B 93 11.09 13.50 -5.27
N GLY B 94 10.34 14.58 -5.48
CA GLY B 94 9.98 14.97 -6.82
C GLY B 94 8.88 14.15 -7.44
N GLU B 95 8.21 13.30 -6.67
CA GLU B 95 7.13 12.49 -7.22
C GLU B 95 5.93 13.36 -7.55
N LYS B 96 5.43 13.23 -8.77
CA LYS B 96 4.22 13.93 -9.23
C LYS B 96 3.30 12.90 -9.87
N PRO B 97 2.53 12.18 -9.07
CA PRO B 97 1.81 11.00 -9.57
C PRO B 97 0.40 11.26 -10.07
N PHE B 98 -0.07 12.50 -10.11
CA PHE B 98 -1.41 12.82 -10.56
C PHE B 98 -1.32 13.54 -11.91
N LEU B 99 -1.77 12.88 -12.97
CA LEU B 99 -1.58 13.33 -14.34
C LEU B 99 -2.86 13.98 -14.87
N CYS B 100 -2.68 14.89 -15.83
CA CYS B 100 -3.81 15.69 -16.32
C CYS B 100 -4.73 14.86 -17.21
N GLU B 101 -4.16 14.11 -18.14
CA GLU B 101 -4.89 13.25 -19.09
C GLU B 101 -5.80 14.02 -20.03
N ALA B 102 -5.72 15.35 -20.05
CA ALA B 102 -6.51 16.15 -20.98
C ALA B 102 -5.84 16.13 -22.35
N GLN B 103 -6.33 16.96 -23.26
CA GLN B 103 -5.86 16.96 -24.65
C GLN B 103 -4.55 17.74 -24.75
N GLY B 104 -3.44 17.02 -24.83
CA GLY B 104 -2.15 17.61 -25.13
C GLY B 104 -1.42 18.24 -23.97
N CYS B 105 -1.94 18.15 -22.74
CA CYS B 105 -1.31 18.82 -21.62
C CYS B 105 -0.12 18.02 -21.09
N GLY B 106 -0.39 16.82 -20.57
CA GLY B 106 0.66 15.95 -20.04
C GLY B 106 1.25 16.38 -18.72
N ARG B 107 0.73 17.42 -18.09
CA ARG B 107 1.33 17.96 -16.88
C ARG B 107 1.00 17.07 -15.68
N SER B 108 1.92 17.04 -14.71
CA SER B 108 1.78 16.23 -13.51
C SER B 108 1.78 17.13 -12.27
N PHE B 109 1.26 16.59 -11.18
CA PHE B 109 1.10 17.35 -9.95
C PHE B 109 1.39 16.48 -8.74
N ALA B 110 1.90 17.11 -7.69
CA ALA B 110 2.30 16.37 -6.51
C ALA B 110 1.11 16.05 -5.61
N GLU B 111 0.07 16.85 -5.66
CA GLU B 111 -1.12 16.64 -4.86
C GLU B 111 -2.34 16.46 -5.77
N TYR B 112 -3.16 15.46 -5.42
CA TYR B 112 -4.44 15.28 -6.10
C TYR B 112 -5.19 16.59 -6.22
N SER B 113 -5.22 17.39 -5.14
CA SER B 113 -5.98 18.62 -5.16
C SER B 113 -5.35 19.69 -6.05
N SER B 114 -4.04 19.64 -6.27
CA SER B 114 -3.45 20.54 -7.25
C SER B 114 -3.90 20.19 -8.67
N LEU B 115 -4.14 18.90 -8.93
CA LEU B 115 -4.66 18.50 -10.23
C LEU B 115 -6.08 19.01 -10.44
N ARG B 116 -6.91 18.96 -9.41
CA ARG B 116 -8.26 19.49 -9.52
C ARG B 116 -8.23 21.00 -9.81
N LYS B 117 -7.39 21.74 -9.08
CA LYS B 117 -7.30 23.18 -9.32
C LYS B 117 -6.82 23.49 -10.72
N HIS B 118 -6.04 22.59 -11.32
CA HIS B 118 -5.57 22.79 -12.69
C HIS B 118 -6.69 22.57 -13.70
N LEU B 119 -7.63 21.66 -13.41
CA LEU B 119 -8.67 21.32 -14.37
C LEU B 119 -9.54 22.52 -14.72
N VAL B 120 -9.65 23.51 -13.83
CA VAL B 120 -10.43 24.70 -14.15
C VAL B 120 -9.71 25.64 -15.09
N VAL B 121 -8.40 25.45 -15.32
CA VAL B 121 -7.71 26.23 -16.33
C VAL B 121 -8.14 25.80 -17.72
N HIS B 122 -8.38 24.50 -17.91
CA HIS B 122 -8.91 24.02 -19.19
C HIS B 122 -10.41 24.24 -19.30
N SER B 123 -11.13 24.23 -18.18
CA SER B 123 -12.55 24.55 -18.20
C SER B 123 -12.76 26.05 -18.39
N GLY B 124 -12.04 26.86 -17.63
CA GLY B 124 -12.36 28.27 -17.54
C GLY B 124 -13.64 28.52 -16.76
N GLU B 125 -13.98 27.62 -15.83
CA GLU B 125 -15.24 27.72 -15.12
C GLU B 125 -15.28 28.92 -14.18
N LYS B 126 -14.19 29.15 -13.44
CA LYS B 126 -14.10 30.21 -12.44
C LYS B 126 -15.26 30.13 -11.46
N PRO B 127 -15.26 29.15 -10.55
CA PRO B 127 -16.43 28.97 -9.67
C PRO B 127 -16.53 30.00 -8.56
N HIS B 128 -15.41 30.39 -7.95
CA HIS B 128 -15.47 31.27 -6.78
C HIS B 128 -15.89 32.68 -7.18
N GLN B 129 -16.86 33.23 -6.46
CA GLN B 129 -17.51 34.49 -6.82
C GLN B 129 -17.43 35.49 -5.68
N CYS B 130 -17.18 36.75 -6.03
CA CYS B 130 -17.20 37.85 -5.06
C CYS B 130 -18.64 38.25 -4.78
N GLN B 131 -19.06 38.10 -3.51
CA GLN B 131 -20.44 38.37 -3.12
C GLN B 131 -20.82 39.85 -3.27
N VAL B 132 -19.84 40.74 -3.42
CA VAL B 132 -20.11 42.18 -3.44
C VAL B 132 -20.14 42.70 -4.89
N CYS B 133 -19.06 42.45 -5.63
CA CYS B 133 -18.90 42.99 -6.97
C CYS B 133 -19.34 42.03 -8.08
N GLY B 134 -19.41 40.74 -7.79
CA GLY B 134 -19.79 39.76 -8.79
C GLY B 134 -18.66 39.24 -9.65
N LYS B 135 -17.43 39.70 -9.44
CA LYS B 135 -16.30 39.23 -10.23
C LYS B 135 -16.07 37.74 -10.00
N THR B 136 -15.62 37.05 -11.03
CA THR B 136 -15.49 35.60 -11.02
C THR B 136 -14.01 35.23 -11.04
N PHE B 137 -13.64 34.27 -10.18
CA PHE B 137 -12.24 33.94 -9.92
C PHE B 137 -12.02 32.45 -10.05
N SER B 138 -10.76 32.09 -10.36
CA SER B 138 -10.42 30.69 -10.57
C SER B 138 -10.20 29.93 -9.25
N GLN B 139 -9.60 30.57 -8.25
CA GLN B 139 -9.36 29.95 -6.95
C GLN B 139 -9.92 30.82 -5.85
N SER B 140 -10.20 30.19 -4.70
CA SER B 140 -10.72 30.94 -3.56
C SER B 140 -9.69 31.92 -3.01
N GLY B 141 -8.40 31.56 -3.06
CA GLY B 141 -7.37 32.48 -2.62
C GLY B 141 -7.38 33.78 -3.40
N SER B 142 -7.55 33.69 -4.72
CA SER B 142 -7.63 34.88 -5.54
C SER B 142 -8.85 35.72 -5.19
N ARG B 143 -9.96 35.06 -4.84
CA ARG B 143 -11.15 35.79 -4.43
C ARG B 143 -10.95 36.47 -3.08
N ASN B 144 -10.18 35.86 -2.18
CA ASN B 144 -10.01 36.41 -0.85
C ASN B 144 -9.03 37.59 -0.83
N VAL B 145 -8.05 37.60 -1.73
CA VAL B 145 -7.16 38.76 -1.82
C VAL B 145 -7.88 39.92 -2.51
N HIS B 146 -8.88 39.62 -3.35
CA HIS B 146 -9.68 40.69 -3.95
C HIS B 146 -10.63 41.32 -2.93
N MET B 147 -11.29 40.49 -2.11
CA MET B 147 -12.15 41.03 -1.07
C MET B 147 -11.37 41.60 0.10
N ARG B 148 -10.09 41.23 0.24
CA ARG B 148 -9.22 41.95 1.17
C ARG B 148 -8.92 43.35 0.64
N LYS B 149 -8.94 43.54 -0.67
CA LYS B 149 -8.84 44.87 -1.26
C LYS B 149 -10.13 45.66 -1.06
N HIS B 150 -11.27 44.98 -1.06
CA HIS B 150 -12.58 45.63 -1.00
C HIS B 150 -12.78 46.43 0.28
N HIS B 151 -12.83 45.74 1.42
CA HIS B 151 -13.20 46.36 2.69
C HIS B 151 -12.10 47.30 3.20
C1 EDO G . 18.66 -10.79 0.58
O1 EDO G . 18.29 -9.47 1.02
C2 EDO G . 20.12 -11.09 0.92
O2 EDO G . 20.29 -12.39 1.53
ZN ZN H . -5.94 -16.75 11.14
ZN ZN I . 25.01 -8.12 -13.02
ZN ZN J . -5.25 -21.72 -15.31
ZN ZN K . 21.39 -20.11 11.94
ZN ZN L . 11.80 -43.16 -8.28
ZN ZN M . 10.25 17.37 4.81
ZN ZN N . -12.84 21.75 19.00
ZN ZN O . -3.70 20.18 -18.05
ZN ZN P . -15.21 42.60 -5.23
ZN ZN Q . -28.50 7.81 0.43
C1 EDO R . -7.58 8.42 15.46
O1 EDO R . -7.12 8.37 16.81
C2 EDO R . -7.46 7.04 14.79
O2 EDO R . -8.38 6.12 15.38
#